data_1QNF
#
_entry.id   1QNF
#
_cell.length_a   91.170
_cell.length_b   91.170
_cell.length_c   135.540
_cell.angle_alpha   90.00
_cell.angle_beta   90.00
_cell.angle_gamma   90.00
#
_symmetry.space_group_name_H-M   'P 43 21 2'
#
loop_
_entity.id
_entity.type
_entity.pdbx_description
1 polymer PHOTOLYASE
2 non-polymer 'FLAVIN-ADENINE DINUCLEOTIDE'
3 non-polymer 8-HYDROXY-10-(D-RIBO-2,3,4,5-TETRAHYDROXYPENTYL)-5-DEAZAISOALLOXAZINE
4 water water
#
_entity_poly.entity_id   1
_entity_poly.type   'polypeptide(L)'
_entity_poly.pdbx_seq_one_letter_code
;MAAPILFWHRRDLRLSDNIGLAAARAQSAQLIGLFCLDPQILQSADMAPARVAYLQGCLQELQQRYQQAGSRLLLLQGDP
QHLIPQLAQQLQAEAVYWNQDIEPYGRDRDGQVAAALKTAGIRAVQLWDQLLHSPDQILSGSGNPYSVYGPFWKNWQAQP
KPTPVATPTELVDLSPEQLTAIAPLLLSELPTLKQLGFDWDGGFPVEPGETAAIARLQEFCDRAIADYDPQRNFPAEAGT
SGLSPALKFGAIGIRQAWQAASAAHALSRSDEARNSIRVWQQELAWREFYQHALYHFPSLADGPYRSLWQQFPWENREAL
FTAWTQAQTGYPIVDAAMRQLTETGWMHNRCRMIVASFLTKDLIIDWRRGEQFFMQHLVDGDLAANNGGWQWSASSGMDP
KPLRIFNPASQAKKFDATATYIKRWLPELRHVHPKDLISGEITPIERRGYPAPIVNHNLRQKQFKALYNQLKAAIAEPEA
EPDS
;
_entity_poly.pdbx_strand_id   A
#
# COMPACT_ATOMS: atom_id res chain seq x y z
N MET A 1 16.34 -30.08 10.35
CA MET A 1 15.57 -30.47 11.55
C MET A 1 16.19 -29.78 12.76
N ALA A 2 16.21 -30.48 13.90
CA ALA A 2 16.79 -29.95 15.12
C ALA A 2 15.79 -29.10 15.90
N ALA A 3 16.34 -28.22 16.76
CA ALA A 3 15.52 -27.32 17.58
C ALA A 3 14.68 -26.47 16.67
N PRO A 4 13.68 -25.82 17.26
CA PRO A 4 12.79 -24.99 16.46
C PRO A 4 13.34 -23.62 16.05
N ILE A 5 12.98 -23.23 14.83
CA ILE A 5 13.33 -21.91 14.30
C ILE A 5 11.96 -21.23 14.13
N LEU A 6 11.84 -20.02 14.67
CA LEU A 6 10.60 -19.26 14.58
C LEU A 6 10.71 -18.25 13.46
N PHE A 7 9.69 -18.17 12.61
CA PHE A 7 9.68 -17.20 11.54
C PHE A 7 8.53 -16.27 11.89
N TRP A 8 8.84 -15.00 12.07
CA TRP A 8 7.87 -14.00 12.46
C TRP A 8 7.26 -13.25 11.25
N HIS A 9 5.99 -13.49 10.97
CA HIS A 9 5.30 -12.84 9.84
C HIS A 9 4.73 -11.50 10.26
N ARG A 10 4.79 -10.50 9.37
CA ARG A 10 4.18 -9.18 9.63
C ARG A 10 3.48 -8.69 8.36
N ARG A 11 4.22 -8.50 7.27
CA ARG A 11 3.59 -8.04 6.01
C ARG A 11 4.06 -8.92 4.85
N ASP A 12 4.17 -10.21 5.11
CA ASP A 12 4.62 -11.17 4.10
C ASP A 12 3.83 -12.45 4.34
N LEU A 13 2.51 -12.30 4.30
CA LEU A 13 1.57 -13.39 4.60
C LEU A 13 1.38 -14.42 3.49
N ARG A 14 2.41 -15.24 3.31
CA ARG A 14 2.41 -16.27 2.29
C ARG A 14 3.53 -17.21 2.65
N LEU A 15 3.48 -18.40 2.07
CA LEU A 15 4.49 -19.42 2.27
C LEU A 15 5.41 -19.44 1.06
N SER A 16 4.90 -19.05 -0.11
CA SER A 16 5.69 -19.05 -1.35
C SER A 16 6.56 -17.82 -1.59
N ASP A 17 7.65 -18.00 -2.33
CA ASP A 17 8.56 -16.92 -2.65
C ASP A 17 8.80 -15.95 -1.48
N ASN A 18 9.19 -16.49 -0.33
CA ASN A 18 9.46 -15.70 0.88
C ASN A 18 10.96 -15.85 1.24
N ILE A 19 11.77 -14.81 1.00
CA ILE A 19 13.23 -14.90 1.26
C ILE A 19 13.59 -15.39 2.66
N GLY A 20 13.07 -14.71 3.68
CA GLY A 20 13.38 -15.11 5.03
C GLY A 20 12.92 -16.51 5.36
N LEU A 21 11.74 -16.89 4.87
CA LEU A 21 11.20 -18.19 5.17
C LEU A 21 12.06 -19.26 4.50
N ALA A 22 12.48 -18.99 3.26
CA ALA A 22 13.28 -19.96 2.55
C ALA A 22 14.63 -20.11 3.24
N ALA A 23 15.22 -19.00 3.70
CA ALA A 23 16.49 -19.11 4.37
C ALA A 23 16.35 -19.91 5.65
N ALA A 24 15.24 -19.73 6.36
CA ALA A 24 15.02 -20.46 7.60
C ALA A 24 14.83 -21.98 7.38
N ARG A 25 14.12 -22.36 6.33
CA ARG A 25 13.89 -23.78 6.04
C ARG A 25 15.21 -24.48 5.73
N ALA A 26 16.19 -23.71 5.29
CA ALA A 26 17.49 -24.30 4.98
C ALA A 26 18.24 -24.59 6.27
N GLN A 27 17.79 -24.04 7.38
CA GLN A 27 18.48 -24.28 8.64
C GLN A 27 17.82 -25.36 9.50
N SER A 28 16.50 -25.51 9.37
CA SER A 28 15.78 -26.53 10.14
C SER A 28 14.41 -26.77 9.56
N ALA A 29 13.91 -28.00 9.73
CA ALA A 29 12.59 -28.39 9.25
C ALA A 29 11.56 -28.09 10.32
N GLN A 30 12.03 -27.94 11.56
CA GLN A 30 11.14 -27.61 12.67
C GLN A 30 10.96 -26.11 12.62
N LEU A 31 10.27 -25.68 11.58
CA LEU A 31 10.01 -24.27 11.30
C LEU A 31 8.61 -23.90 11.71
N ILE A 32 8.52 -23.06 12.72
CA ILE A 32 7.22 -22.61 13.23
C ILE A 32 6.96 -21.13 12.93
N GLY A 33 5.80 -20.83 12.35
CA GLY A 33 5.48 -19.44 12.06
C GLY A 33 4.67 -18.74 13.14
N LEU A 34 4.81 -17.43 13.24
CA LEU A 34 4.02 -16.68 14.21
C LEU A 34 3.59 -15.33 13.69
N PHE A 35 2.49 -14.85 14.22
CA PHE A 35 2.01 -13.53 13.85
C PHE A 35 1.60 -12.94 15.18
N CYS A 36 1.97 -11.70 15.44
CA CYS A 36 1.61 -11.05 16.69
C CYS A 36 0.65 -9.88 16.45
N LEU A 37 -0.58 -10.01 16.93
CA LEU A 37 -1.58 -8.95 16.81
C LEU A 37 -1.09 -7.85 17.74
N ASP A 38 -0.69 -6.74 17.14
CA ASP A 38 -0.09 -5.63 17.85
C ASP A 38 -1.09 -4.50 18.13
N PRO A 39 -1.44 -4.29 19.42
CA PRO A 39 -2.40 -3.22 19.73
C PRO A 39 -1.97 -1.84 19.28
N GLN A 40 -0.67 -1.54 19.27
CA GLN A 40 -0.25 -0.21 18.84
C GLN A 40 -0.64 0.05 17.40
N ILE A 41 -0.78 -1.00 16.62
CA ILE A 41 -1.19 -0.85 15.22
C ILE A 41 -2.71 -1.00 15.06
N LEU A 42 -3.24 -2.09 15.56
CA LEU A 42 -4.66 -2.35 15.39
C LEU A 42 -5.60 -1.35 16.07
N GLN A 43 -5.11 -0.66 17.10
CA GLN A 43 -5.97 0.28 17.79
C GLN A 43 -5.77 1.71 17.36
N SER A 44 -4.92 1.91 16.36
CA SER A 44 -4.64 3.25 15.85
C SER A 44 -5.84 3.80 15.10
N ALA A 45 -5.97 5.11 15.09
CA ALA A 45 -7.04 5.76 14.36
C ALA A 45 -6.75 5.66 12.86
N ASP A 46 -5.57 5.19 12.50
CA ASP A 46 -5.23 5.07 11.08
C ASP A 46 -5.61 3.75 10.44
N MET A 47 -6.37 2.92 11.14
CA MET A 47 -6.81 1.64 10.57
C MET A 47 -8.02 1.83 9.67
N ALA A 48 -8.13 0.99 8.66
CA ALA A 48 -9.23 1.01 7.69
C ALA A 48 -9.92 -0.34 7.85
N PRO A 49 -11.25 -0.37 7.94
CA PRO A 49 -11.94 -1.66 8.09
C PRO A 49 -11.66 -2.59 6.91
N ALA A 50 -11.57 -2.05 5.71
CA ALA A 50 -11.33 -2.91 4.56
C ALA A 50 -9.99 -3.59 4.70
N ARG A 51 -9.00 -2.83 5.19
CA ARG A 51 -7.63 -3.32 5.35
C ARG A 51 -7.46 -4.41 6.43
N VAL A 52 -8.17 -4.25 7.54
CA VAL A 52 -8.11 -5.27 8.59
C VAL A 52 -8.83 -6.53 8.06
N ALA A 53 -9.93 -6.33 7.34
CA ALA A 53 -10.67 -7.43 6.78
C ALA A 53 -9.76 -8.20 5.83
N TYR A 54 -8.97 -7.49 5.04
CA TYR A 54 -8.08 -8.16 4.11
C TYR A 54 -7.01 -8.93 4.90
N LEU A 55 -6.46 -8.28 5.92
CA LEU A 55 -5.43 -8.91 6.72
C LEU A 55 -5.96 -10.19 7.34
N GLN A 56 -7.14 -10.10 7.93
CA GLN A 56 -7.73 -11.25 8.60
C GLN A 56 -7.96 -12.44 7.69
N GLY A 57 -8.30 -12.17 6.44
CA GLY A 57 -8.50 -13.23 5.47
C GLY A 57 -7.16 -13.83 5.07
N CYS A 58 -6.10 -13.03 5.03
CA CYS A 58 -4.77 -13.57 4.67
C CYS A 58 -4.26 -14.53 5.75
N LEU A 59 -4.47 -14.14 7.01
CA LEU A 59 -4.04 -14.97 8.15
C LEU A 59 -4.78 -16.31 8.19
N GLN A 60 -6.08 -16.30 7.90
CA GLN A 60 -6.85 -17.54 7.88
C GLN A 60 -6.17 -18.48 6.89
N GLU A 61 -5.86 -17.99 5.70
CA GLU A 61 -5.23 -18.88 4.74
C GLU A 61 -3.87 -19.32 5.21
N LEU A 62 -3.07 -18.40 5.73
CA LEU A 62 -1.73 -18.76 6.17
C LEU A 62 -1.76 -19.87 7.25
N GLN A 63 -2.72 -19.83 8.17
CA GLN A 63 -2.81 -20.85 9.20
C GLN A 63 -2.93 -22.22 8.53
N GLN A 64 -3.74 -22.27 7.48
CA GLN A 64 -3.95 -23.49 6.72
C GLN A 64 -2.72 -23.96 6.01
N ARG A 65 -2.03 -23.05 5.31
CA ARG A 65 -0.83 -23.42 4.58
C ARG A 65 0.21 -24.04 5.51
N TYR A 66 0.38 -23.48 6.70
CA TYR A 66 1.34 -24.02 7.66
C TYR A 66 0.89 -25.40 8.08
N GLN A 67 -0.39 -25.56 8.39
CA GLN A 67 -0.90 -26.87 8.79
C GLN A 67 -0.64 -27.87 7.69
N GLN A 68 -0.92 -27.49 6.44
CA GLN A 68 -0.69 -28.40 5.32
C GLN A 68 0.78 -28.71 5.13
N ALA A 69 1.65 -27.75 5.41
CA ALA A 69 3.08 -27.95 5.25
C ALA A 69 3.68 -28.87 6.33
N GLY A 70 3.00 -28.98 7.47
CA GLY A 70 3.53 -29.85 8.49
C GLY A 70 3.69 -29.24 9.86
N SER A 71 3.54 -27.92 10.01
CA SER A 71 3.65 -27.36 11.35
C SER A 71 2.46 -26.49 11.70
N ARG A 72 2.69 -25.26 12.13
CA ARG A 72 1.59 -24.40 12.51
C ARG A 72 2.01 -22.94 12.52
N LEU A 73 1.02 -22.04 12.59
CA LEU A 73 1.27 -20.61 12.70
C LEU A 73 0.84 -20.26 14.11
N LEU A 74 1.75 -19.79 14.96
CA LEU A 74 1.38 -19.42 16.32
C LEU A 74 0.77 -18.03 16.29
N LEU A 75 -0.22 -17.76 17.14
CA LEU A 75 -0.87 -16.46 17.18
C LEU A 75 -0.72 -15.88 18.56
N LEU A 76 -0.26 -14.64 18.62
CA LEU A 76 -0.04 -13.95 19.87
C LEU A 76 -0.77 -12.62 19.76
N GLN A 77 -0.99 -11.97 20.88
CA GLN A 77 -1.65 -10.68 20.88
C GLN A 77 -1.01 -9.84 21.97
N GLY A 78 -0.36 -8.76 21.61
CA GLY A 78 0.27 -7.98 22.63
C GLY A 78 1.45 -7.29 22.04
N ASP A 79 2.32 -6.82 22.93
CA ASP A 79 3.52 -6.10 22.56
C ASP A 79 4.61 -7.05 22.10
N PRO A 80 5.03 -6.98 20.82
CA PRO A 80 6.07 -7.88 20.35
C PRO A 80 7.43 -7.76 21.05
N GLN A 81 7.81 -6.55 21.49
CA GLN A 81 9.11 -6.37 22.18
C GLN A 81 9.18 -7.31 23.39
N HIS A 82 8.02 -7.57 23.99
CA HIS A 82 7.91 -8.44 25.14
C HIS A 82 7.59 -9.89 24.83
N LEU A 83 6.56 -10.11 24.02
CA LEU A 83 6.14 -11.48 23.72
C LEU A 83 7.06 -12.33 22.84
N ILE A 84 7.75 -11.71 21.89
CA ILE A 84 8.60 -12.52 21.03
C ILE A 84 9.81 -13.14 21.76
N PRO A 85 10.56 -12.34 22.54
CA PRO A 85 11.71 -12.93 23.22
C PRO A 85 11.26 -14.02 24.22
N GLN A 86 10.16 -13.77 24.94
CA GLN A 86 9.64 -14.73 25.91
C GLN A 86 9.28 -16.03 25.24
N LEU A 87 8.60 -15.93 24.10
CA LEU A 87 8.21 -17.11 23.37
C LEU A 87 9.46 -17.85 22.92
N ALA A 88 10.46 -17.12 22.41
CA ALA A 88 11.67 -17.78 21.94
C ALA A 88 12.43 -18.44 23.08
N GLN A 89 12.52 -17.77 24.22
CA GLN A 89 13.20 -18.35 25.37
C GLN A 89 12.54 -19.67 25.73
N GLN A 90 11.23 -19.64 25.96
CA GLN A 90 10.49 -20.83 26.34
C GLN A 90 10.66 -22.00 25.40
N LEU A 91 10.79 -21.72 24.12
CA LEU A 91 10.94 -22.80 23.15
C LEU A 91 12.43 -23.09 22.89
N GLN A 92 13.31 -22.38 23.60
CA GLN A 92 14.75 -22.47 23.40
C GLN A 92 15.00 -22.50 21.87
N ALA A 93 14.39 -21.54 21.18
CA ALA A 93 14.51 -21.44 19.72
C ALA A 93 15.96 -21.24 19.31
N GLU A 94 16.38 -21.85 18.22
CA GLU A 94 17.76 -21.63 17.81
C GLU A 94 17.93 -20.24 17.21
N ALA A 95 16.87 -19.73 16.58
CA ALA A 95 16.90 -18.41 15.98
C ALA A 95 15.51 -17.91 15.68
N VAL A 96 15.40 -16.61 15.50
CA VAL A 96 14.15 -16.01 15.08
C VAL A 96 14.46 -15.26 13.78
N TYR A 97 13.73 -15.60 12.72
CA TYR A 97 13.89 -14.97 11.41
C TYR A 97 12.70 -14.07 11.07
N TRP A 98 12.95 -12.96 10.40
CA TRP A 98 11.88 -12.09 9.91
C TRP A 98 12.40 -11.27 8.75
N ASN A 99 11.49 -10.70 7.97
CA ASN A 99 11.85 -9.87 6.81
C ASN A 99 11.82 -8.37 7.21
N GLN A 100 12.87 -7.64 6.89
CA GLN A 100 12.97 -6.23 7.24
C GLN A 100 11.89 -5.39 6.59
N ASP A 101 11.61 -4.25 7.19
CA ASP A 101 10.63 -3.33 6.66
C ASP A 101 11.29 -1.94 6.54
N ILE A 102 10.56 -0.99 5.99
CA ILE A 102 11.04 0.39 5.79
C ILE A 102 10.35 1.43 6.68
N GLU A 103 9.26 1.04 7.34
CA GLU A 103 8.55 2.01 8.16
C GLU A 103 9.22 2.29 9.50
N PRO A 104 9.18 3.56 9.93
CA PRO A 104 9.80 3.95 11.20
C PRO A 104 9.29 3.07 12.36
N TYR A 105 7.99 2.90 12.48
CA TYR A 105 7.50 2.07 13.58
C TYR A 105 8.10 0.68 13.46
N GLY A 106 7.97 0.08 12.29
CA GLY A 106 8.49 -1.26 12.11
C GLY A 106 9.97 -1.36 12.40
N ARG A 107 10.75 -0.42 11.89
CA ARG A 107 12.18 -0.46 12.13
C ARG A 107 12.60 -0.31 13.61
N ASP A 108 11.87 0.52 14.38
CA ASP A 108 12.16 0.72 15.81
C ASP A 108 11.82 -0.53 16.58
N ARG A 109 10.63 -1.07 16.32
CA ARG A 109 10.17 -2.30 16.95
C ARG A 109 11.20 -3.41 16.73
N ASP A 110 11.63 -3.57 15.48
CA ASP A 110 12.57 -4.62 15.11
C ASP A 110 13.91 -4.51 15.84
N GLY A 111 14.37 -3.28 16.05
CA GLY A 111 15.64 -3.09 16.74
C GLY A 111 15.53 -3.52 18.19
N GLN A 112 14.42 -3.15 18.84
CA GLN A 112 14.19 -3.52 20.23
C GLN A 112 14.08 -5.04 20.33
N VAL A 113 13.28 -5.65 19.47
CA VAL A 113 13.15 -7.08 19.53
C VAL A 113 14.50 -7.77 19.33
N ALA A 114 15.25 -7.33 18.32
CA ALA A 114 16.56 -7.93 18.06
C ALA A 114 17.46 -7.79 19.28
N ALA A 115 17.42 -6.62 19.90
CA ALA A 115 18.22 -6.37 21.08
C ALA A 115 17.81 -7.34 22.18
N ALA A 116 16.52 -7.48 22.37
CA ALA A 116 16.05 -8.38 23.41
C ALA A 116 16.47 -9.83 23.13
N LEU A 117 16.43 -10.25 21.87
CA LEU A 117 16.81 -11.61 21.53
C LEU A 117 18.29 -11.86 21.81
N LYS A 118 19.13 -10.87 21.49
CA LYS A 118 20.58 -10.98 21.71
C LYS A 118 20.83 -11.13 23.20
N THR A 119 20.21 -10.27 24.00
CA THR A 119 20.36 -10.34 25.43
C THR A 119 20.05 -11.75 25.88
N ALA A 120 19.07 -12.38 25.24
CA ALA A 120 18.65 -13.74 25.58
C ALA A 120 19.53 -14.79 24.91
N GLY A 121 20.57 -14.34 24.23
CA GLY A 121 21.42 -15.31 23.57
C GLY A 121 20.74 -15.99 22.39
N ILE A 122 19.69 -15.39 21.82
CA ILE A 122 19.03 -16.01 20.68
C ILE A 122 19.30 -15.21 19.41
N ARG A 123 19.67 -15.89 18.34
CA ARG A 123 19.99 -15.24 17.07
C ARG A 123 18.75 -14.75 16.32
N ALA A 124 18.84 -13.52 15.84
CA ALA A 124 17.78 -12.90 15.07
C ALA A 124 18.32 -12.63 13.69
N VAL A 125 17.74 -13.21 12.64
CA VAL A 125 18.25 -12.85 11.34
C VAL A 125 17.18 -12.13 10.56
N GLN A 126 17.51 -10.94 10.06
CA GLN A 126 16.57 -10.08 9.32
C GLN A 126 17.05 -9.92 7.88
N LEU A 127 16.24 -10.40 6.92
CA LEU A 127 16.62 -10.32 5.51
C LEU A 127 15.68 -9.41 4.72
N TRP A 128 16.07 -9.01 3.52
CA TRP A 128 15.22 -8.18 2.67
C TRP A 128 14.38 -9.08 1.77
N ASP A 129 13.07 -8.85 1.73
CA ASP A 129 12.16 -9.69 0.94
C ASP A 129 11.11 -8.98 0.08
N GLN A 130 10.54 -7.88 0.60
CA GLN A 130 9.47 -7.17 -0.09
C GLN A 130 9.83 -6.31 -1.27
N LEU A 131 11.12 -6.20 -1.55
CA LEU A 131 11.60 -5.35 -2.63
C LEU A 131 12.51 -6.17 -3.51
N LEU A 132 12.52 -5.89 -4.81
CA LEU A 132 13.44 -6.59 -5.70
C LEU A 132 14.90 -6.20 -5.34
N HIS A 133 15.10 -4.94 -4.97
CA HIS A 133 16.40 -4.42 -4.58
C HIS A 133 16.31 -3.66 -3.27
N SER A 134 17.18 -4.00 -2.34
CA SER A 134 17.16 -3.35 -1.05
C SER A 134 17.67 -1.93 -1.17
N PRO A 135 17.30 -1.08 -0.20
CA PRO A 135 17.67 0.33 -0.12
C PRO A 135 19.18 0.54 -0.10
N ASP A 136 19.91 -0.47 0.38
CA ASP A 136 21.38 -0.42 0.46
C ASP A 136 22.06 -0.73 -0.86
N GLN A 137 21.33 -1.39 -1.74
CA GLN A 137 21.85 -1.80 -3.03
C GLN A 137 21.76 -0.72 -4.10
N ILE A 138 20.72 0.09 -4.02
CA ILE A 138 20.49 1.15 -5.00
C ILE A 138 20.95 2.51 -4.49
N LEU A 139 22.17 2.88 -4.87
CA LEU A 139 22.77 4.13 -4.46
C LEU A 139 23.49 4.71 -5.66
N SER A 140 23.68 6.03 -5.64
CA SER A 140 24.35 6.70 -6.74
C SER A 140 25.85 6.42 -6.78
N GLY A 141 26.50 6.91 -7.82
CA GLY A 141 27.93 6.70 -7.94
C GLY A 141 28.65 7.24 -6.72
N SER A 142 28.06 8.21 -6.03
CA SER A 142 28.67 8.78 -4.84
C SER A 142 28.27 8.05 -3.57
N GLY A 143 27.47 6.99 -3.71
CA GLY A 143 27.04 6.24 -2.56
C GLY A 143 25.94 6.92 -1.77
N ASN A 144 25.12 7.68 -2.49
CA ASN A 144 24.01 8.40 -1.88
C ASN A 144 22.69 7.97 -2.48
N PRO A 145 21.62 8.06 -1.69
CA PRO A 145 20.28 7.70 -2.13
C PRO A 145 19.76 8.71 -3.13
N TYR A 146 18.80 8.30 -3.95
CA TYR A 146 18.21 9.19 -4.93
C TYR A 146 16.95 9.88 -4.38
N SER A 147 16.78 11.15 -4.75
CA SER A 147 15.61 11.90 -4.33
C SER A 147 14.82 12.32 -5.58
N VAL A 148 15.18 11.72 -6.71
CA VAL A 148 14.55 12.00 -8.01
C VAL A 148 14.41 10.65 -8.73
N TYR A 149 13.22 10.37 -9.23
CA TYR A 149 12.97 9.09 -9.87
C TYR A 149 13.85 8.72 -11.08
N GLY A 150 14.03 9.65 -12.01
CA GLY A 150 14.81 9.37 -13.22
C GLY A 150 16.05 8.53 -13.01
N PRO A 151 17.06 9.07 -12.32
CA PRO A 151 18.32 8.40 -12.04
C PRO A 151 18.09 7.12 -11.26
N PHE A 152 17.10 7.11 -10.37
CA PHE A 152 16.81 5.90 -9.61
C PHE A 152 16.37 4.79 -10.57
N TRP A 153 15.48 5.13 -11.50
CA TRP A 153 14.99 4.17 -12.47
C TRP A 153 16.08 3.57 -13.38
N LYS A 154 16.98 4.40 -13.89
CA LYS A 154 18.04 3.87 -14.76
C LYS A 154 18.91 2.86 -14.01
N ASN A 155 19.15 3.14 -12.73
CA ASN A 155 19.96 2.25 -11.91
C ASN A 155 19.18 0.98 -11.63
N TRP A 156 18.05 1.12 -10.97
CA TRP A 156 17.19 0.01 -10.62
C TRP A 156 16.99 -0.95 -11.81
N GLN A 157 16.62 -0.40 -12.96
CA GLN A 157 16.36 -1.24 -14.13
C GLN A 157 17.54 -2.07 -14.66
N ALA A 158 18.77 -1.62 -14.41
CA ALA A 158 19.98 -2.31 -14.91
C ALA A 158 20.52 -3.37 -13.97
N GLN A 159 19.93 -3.49 -12.79
CA GLN A 159 20.41 -4.48 -11.83
C GLN A 159 19.86 -5.87 -12.12
N PRO A 160 20.69 -6.91 -11.98
CA PRO A 160 20.18 -8.27 -12.26
C PRO A 160 19.00 -8.50 -11.35
N LYS A 161 17.95 -9.14 -11.87
CA LYS A 161 16.75 -9.40 -11.08
C LYS A 161 16.78 -10.78 -10.41
N PRO A 162 16.41 -10.85 -9.12
CA PRO A 162 16.45 -12.16 -8.49
C PRO A 162 15.25 -13.01 -8.87
N THR A 163 15.44 -14.31 -8.74
CA THR A 163 14.43 -15.32 -9.06
C THR A 163 13.63 -15.72 -7.82
N PRO A 164 12.40 -16.16 -8.01
CA PRO A 164 11.55 -16.59 -6.90
C PRO A 164 12.20 -17.71 -6.09
N VAL A 165 12.07 -17.70 -4.78
CA VAL A 165 12.66 -18.76 -3.98
C VAL A 165 11.62 -19.86 -3.73
N ALA A 166 12.09 -21.02 -3.30
CA ALA A 166 11.19 -22.14 -3.07
C ALA A 166 10.26 -22.09 -1.86
N THR A 167 9.14 -22.78 -1.98
CA THR A 167 8.17 -22.85 -0.90
C THR A 167 8.64 -23.94 0.07
N PRO A 168 8.70 -23.64 1.37
CA PRO A 168 9.15 -24.65 2.31
C PRO A 168 8.19 -25.84 2.42
N THR A 169 8.74 -27.05 2.55
CA THR A 169 7.92 -28.24 2.68
C THR A 169 8.49 -29.20 3.73
N GLU A 170 7.69 -30.20 4.07
CA GLU A 170 8.07 -31.22 5.03
C GLU A 170 8.54 -30.67 6.35
N LEU A 171 7.74 -29.75 6.92
CA LEU A 171 8.07 -29.13 8.19
C LEU A 171 7.70 -30.08 9.33
N VAL A 172 8.31 -29.88 10.51
CA VAL A 172 7.98 -30.71 11.66
C VAL A 172 7.44 -29.81 12.78
N ASP A 173 6.27 -30.18 13.27
CA ASP A 173 5.54 -29.46 14.30
C ASP A 173 6.21 -29.54 15.68
N LEU A 174 5.67 -28.76 16.60
CA LEU A 174 6.12 -28.71 17.99
C LEU A 174 5.54 -29.93 18.75
N SER A 175 6.26 -30.34 19.80
CA SER A 175 5.84 -31.48 20.63
C SER A 175 4.87 -30.97 21.68
N PRO A 176 4.19 -31.90 22.35
CA PRO A 176 3.23 -31.49 23.37
C PRO A 176 3.97 -30.82 24.49
N GLU A 177 5.18 -31.27 24.76
CA GLU A 177 5.94 -30.66 25.85
C GLU A 177 6.23 -29.20 25.52
N GLN A 178 6.66 -28.94 24.28
CA GLN A 178 6.96 -27.58 23.83
C GLN A 178 5.70 -26.72 23.86
N LEU A 179 4.58 -27.27 23.39
CA LEU A 179 3.34 -26.52 23.39
C LEU A 179 2.97 -26.11 24.82
N THR A 180 3.25 -26.97 25.78
CA THR A 180 2.95 -26.67 27.17
C THR A 180 3.79 -25.52 27.67
N ALA A 181 5.06 -25.49 27.30
CA ALA A 181 5.95 -24.44 27.73
C ALA A 181 5.46 -23.05 27.33
N ILE A 182 4.79 -22.96 26.18
CA ILE A 182 4.32 -21.67 25.66
C ILE A 182 2.81 -21.40 25.77
N ALA A 183 2.04 -22.40 26.16
CA ALA A 183 0.61 -22.24 26.26
C ALA A 183 0.14 -20.89 26.74
N PRO A 184 0.65 -20.42 27.89
CA PRO A 184 0.20 -19.11 28.39
C PRO A 184 0.43 -17.89 27.51
N LEU A 185 1.26 -18.02 26.48
CA LEU A 185 1.52 -16.88 25.61
C LEU A 185 0.65 -16.84 24.39
N LEU A 186 0.01 -17.97 24.08
CA LEU A 186 -0.81 -18.10 22.89
C LEU A 186 -2.25 -17.71 22.91
N LEU A 187 -2.74 -17.41 21.72
CA LEU A 187 -4.12 -17.09 21.47
C LEU A 187 -4.62 -18.44 20.98
N SER A 188 -5.78 -18.88 21.48
CA SER A 188 -6.34 -20.17 21.09
C SER A 188 -6.98 -20.15 19.73
N GLU A 189 -7.42 -18.99 19.28
CA GLU A 189 -8.05 -18.90 17.99
C GLU A 189 -7.80 -17.54 17.34
N LEU A 190 -7.85 -17.51 16.01
CA LEU A 190 -7.72 -16.27 15.28
C LEU A 190 -9.00 -15.53 15.55
N PRO A 191 -8.92 -14.31 16.06
CA PRO A 191 -10.16 -13.60 16.31
C PRO A 191 -10.87 -13.25 15.02
N THR A 192 -12.18 -13.08 15.08
CA THR A 192 -12.93 -12.71 13.90
C THR A 192 -12.90 -11.19 13.81
N LEU A 193 -13.34 -10.66 12.69
CA LEU A 193 -13.35 -9.23 12.50
C LEU A 193 -14.28 -8.56 13.51
N LYS A 194 -15.45 -9.13 13.76
CA LYS A 194 -16.32 -8.46 14.72
C LYS A 194 -15.77 -8.47 16.13
N GLN A 195 -14.99 -9.51 16.46
CA GLN A 195 -14.37 -9.59 17.79
C GLN A 195 -13.36 -8.43 17.94
N LEU A 196 -12.70 -8.04 16.84
CA LEU A 196 -11.74 -6.93 16.83
C LEU A 196 -12.48 -5.59 16.72
N GLY A 197 -13.79 -5.63 16.62
CA GLY A 197 -14.53 -4.38 16.54
C GLY A 197 -14.67 -3.75 15.17
N PHE A 198 -14.44 -4.48 14.09
CA PHE A 198 -14.58 -3.90 12.76
C PHE A 198 -15.68 -4.62 11.98
N ASP A 199 -16.14 -4.00 10.91
CA ASP A 199 -17.12 -4.63 10.04
C ASP A 199 -16.81 -4.12 8.65
N TRP A 200 -16.95 -4.99 7.65
CA TRP A 200 -16.67 -4.63 6.28
C TRP A 200 -17.48 -5.48 5.33
N ASP A 201 -18.26 -4.85 4.47
CA ASP A 201 -19.08 -5.57 3.51
C ASP A 201 -18.84 -5.09 2.10
N GLY A 202 -17.84 -4.23 1.92
CA GLY A 202 -17.58 -3.66 0.61
C GLY A 202 -16.82 -4.42 -0.44
N GLY A 203 -16.42 -5.64 -0.14
CA GLY A 203 -15.67 -6.40 -1.11
C GLY A 203 -14.20 -6.02 -1.15
N PHE A 204 -13.46 -6.61 -2.10
CA PHE A 204 -12.02 -6.39 -2.29
C PHE A 204 -11.63 -6.37 -3.75
N PRO A 205 -10.52 -5.69 -4.07
CA PRO A 205 -9.97 -5.56 -5.43
C PRO A 205 -9.56 -6.99 -5.86
N VAL A 206 -9.08 -7.76 -4.89
CA VAL A 206 -8.68 -9.15 -5.08
C VAL A 206 -9.04 -9.84 -3.74
N GLU A 207 -9.51 -11.08 -3.78
CA GLU A 207 -9.88 -11.78 -2.54
C GLU A 207 -8.66 -11.96 -1.66
N PRO A 208 -8.86 -11.97 -0.34
CA PRO A 208 -7.71 -12.14 0.55
C PRO A 208 -7.00 -13.46 0.37
N GLY A 209 -5.69 -13.47 0.63
CA GLY A 209 -4.97 -14.72 0.54
C GLY A 209 -3.96 -14.92 -0.56
N GLU A 210 -2.99 -15.78 -0.28
CA GLU A 210 -1.92 -16.12 -1.20
C GLU A 210 -2.47 -16.76 -2.49
N THR A 211 -3.39 -17.70 -2.35
CA THR A 211 -3.91 -18.39 -3.53
C THR A 211 -4.60 -17.48 -4.50
N ALA A 212 -5.41 -16.56 -3.98
CA ALA A 212 -6.16 -15.66 -4.82
C ALA A 212 -5.27 -14.65 -5.51
N ALA A 213 -4.29 -14.14 -4.78
CA ALA A 213 -3.39 -13.17 -5.34
C ALA A 213 -2.62 -13.79 -6.51
N ILE A 214 -2.19 -15.03 -6.34
CA ILE A 214 -1.43 -15.74 -7.37
C ILE A 214 -2.31 -16.01 -8.59
N ALA A 215 -3.54 -16.41 -8.35
CA ALA A 215 -4.49 -16.64 -9.42
C ALA A 215 -4.64 -15.33 -10.20
N ARG A 216 -4.86 -14.23 -9.49
CA ARG A 216 -5.01 -12.92 -10.15
C ARG A 216 -3.77 -12.52 -10.94
N LEU A 217 -2.58 -12.68 -10.38
CA LEU A 217 -1.39 -12.33 -11.15
C LEU A 217 -1.39 -13.09 -12.48
N GLN A 218 -1.61 -14.40 -12.42
CA GLN A 218 -1.58 -15.20 -13.63
C GLN A 218 -2.58 -14.71 -14.65
N GLU A 219 -3.78 -14.40 -14.18
CA GLU A 219 -4.83 -13.92 -15.04
C GLU A 219 -4.55 -12.56 -15.66
N PHE A 220 -4.03 -11.64 -14.86
CA PHE A 220 -3.71 -10.30 -15.34
C PHE A 220 -2.67 -10.43 -16.44
N CYS A 221 -1.73 -11.34 -16.24
CA CYS A 221 -0.67 -11.55 -17.22
C CYS A 221 -1.03 -12.30 -18.49
N ASP A 222 -2.11 -13.04 -18.49
CA ASP A 222 -2.48 -13.77 -19.69
C ASP A 222 -3.34 -12.94 -20.62
N ARG A 223 -3.90 -11.86 -20.09
CA ARG A 223 -4.77 -11.02 -20.89
C ARG A 223 -4.48 -9.53 -20.68
N ALA A 224 -5.02 -9.01 -19.59
CA ALA A 224 -4.90 -7.59 -19.24
C ALA A 224 -3.59 -6.86 -19.51
N ILE A 225 -2.53 -7.27 -18.84
CA ILE A 225 -1.23 -6.60 -18.96
C ILE A 225 -0.98 -6.04 -20.38
N ALA A 226 -1.16 -6.89 -21.38
CA ALA A 226 -0.96 -6.49 -22.76
C ALA A 226 -1.53 -5.12 -23.06
N ASP A 227 -2.66 -4.76 -22.45
CA ASP A 227 -3.28 -3.46 -22.70
C ASP A 227 -3.08 -2.43 -21.61
N TYR A 228 -2.29 -2.77 -20.59
CA TYR A 228 -2.04 -1.86 -19.47
C TYR A 228 -1.97 -0.41 -19.93
N ASP A 229 -1.11 -0.16 -20.93
CA ASP A 229 -0.96 1.15 -21.51
C ASP A 229 -1.80 1.10 -22.79
N PRO A 230 -2.78 2.02 -22.93
CA PRO A 230 -3.19 3.09 -22.02
C PRO A 230 -4.39 2.75 -21.13
N GLN A 231 -4.83 1.50 -21.14
CA GLN A 231 -5.98 1.11 -20.33
C GLN A 231 -5.89 1.50 -18.85
N ARG A 232 -4.69 1.66 -18.32
CA ARG A 232 -4.55 2.02 -16.92
C ARG A 232 -5.04 3.45 -16.64
N ASN A 233 -5.11 4.27 -17.68
CA ASN A 233 -5.54 5.66 -17.53
C ASN A 233 -7.00 5.85 -17.15
N PHE A 234 -7.86 5.01 -17.72
CA PHE A 234 -9.30 5.13 -17.53
C PHE A 234 -9.98 4.37 -16.40
N PRO A 235 -10.40 5.10 -15.38
CA PRO A 235 -11.09 4.62 -14.19
C PRO A 235 -12.33 3.78 -14.48
N ALA A 236 -12.97 4.00 -15.62
CA ALA A 236 -14.14 3.22 -15.95
C ALA A 236 -13.71 1.81 -16.38
N GLU A 237 -12.47 1.72 -16.88
CA GLU A 237 -11.89 0.47 -17.35
C GLU A 237 -11.18 -0.30 -16.24
N ALA A 238 -11.46 -1.59 -16.15
CA ALA A 238 -10.82 -2.43 -15.14
C ALA A 238 -9.47 -2.80 -15.74
N GLY A 239 -8.65 -1.78 -16.06
CA GLY A 239 -7.37 -2.04 -16.68
C GLY A 239 -6.15 -2.35 -15.84
N THR A 240 -6.23 -2.16 -14.54
CA THR A 240 -5.10 -2.43 -13.66
C THR A 240 -5.24 -3.83 -13.01
N SER A 241 -4.22 -4.28 -12.27
CA SER A 241 -4.26 -5.63 -11.67
C SER A 241 -5.12 -5.84 -10.44
N GLY A 242 -5.24 -4.80 -9.62
CA GLY A 242 -6.02 -4.95 -8.39
C GLY A 242 -5.23 -5.70 -7.34
N LEU A 243 -3.91 -5.77 -7.54
CA LEU A 243 -3.02 -6.48 -6.61
C LEU A 243 -2.45 -5.63 -5.46
N SER A 244 -2.72 -4.32 -5.46
CA SER A 244 -2.17 -3.44 -4.45
C SER A 244 -2.22 -3.94 -3.00
N PRO A 245 -3.36 -4.49 -2.56
CA PRO A 245 -3.38 -4.97 -1.17
C PRO A 245 -2.56 -6.24 -0.98
N ALA A 246 -2.41 -7.03 -2.05
CA ALA A 246 -1.64 -8.24 -1.94
C ALA A 246 -0.18 -7.89 -1.83
N LEU A 247 0.22 -6.79 -2.46
CA LEU A 247 1.63 -6.37 -2.40
C LEU A 247 1.92 -5.68 -1.07
N LYS A 248 0.93 -4.97 -0.50
CA LYS A 248 1.12 -4.29 0.77
C LYS A 248 1.36 -5.35 1.84
N PHE A 249 0.57 -6.40 1.83
CA PHE A 249 0.68 -7.47 2.82
C PHE A 249 1.48 -8.68 2.42
N GLY A 250 2.14 -8.64 1.28
CA GLY A 250 2.92 -9.79 0.88
C GLY A 250 2.14 -11.07 0.68
N ALA A 251 0.94 -11.01 0.13
CA ALA A 251 0.21 -12.26 -0.11
C ALA A 251 0.81 -12.85 -1.40
N ILE A 252 1.64 -12.07 -2.08
CA ILE A 252 2.28 -12.52 -3.31
C ILE A 252 3.72 -12.01 -3.27
N GLY A 253 4.68 -12.86 -3.66
CA GLY A 253 6.07 -12.47 -3.61
C GLY A 253 6.41 -11.58 -4.78
N ILE A 254 7.25 -10.59 -4.55
CA ILE A 254 7.61 -9.61 -5.58
C ILE A 254 8.42 -10.19 -6.72
N ARG A 255 9.17 -11.25 -6.43
CA ARG A 255 9.99 -11.90 -7.46
C ARG A 255 9.08 -12.71 -8.38
N GLN A 256 7.99 -13.27 -7.84
CA GLN A 256 7.03 -14.02 -8.63
C GLN A 256 6.29 -13.04 -9.55
N ALA A 257 6.00 -11.86 -9.05
CA ALA A 257 5.28 -10.87 -9.84
C ALA A 257 6.13 -10.37 -11.01
N TRP A 258 7.41 -10.16 -10.75
CA TRP A 258 8.35 -9.69 -11.76
C TRP A 258 8.62 -10.77 -12.80
N GLN A 259 8.76 -11.99 -12.35
CA GLN A 259 8.99 -13.11 -13.23
C GLN A 259 7.80 -13.26 -14.18
N ALA A 260 6.59 -13.16 -13.66
CA ALA A 260 5.41 -13.29 -14.50
C ALA A 260 5.42 -12.19 -15.56
N ALA A 261 5.80 -10.98 -15.18
CA ALA A 261 5.84 -9.89 -16.15
C ALA A 261 6.91 -10.16 -17.21
N SER A 262 8.02 -10.76 -16.80
CA SER A 262 9.11 -11.10 -17.72
C SER A 262 8.63 -12.09 -18.77
N ALA A 263 8.11 -13.21 -18.29
CA ALA A 263 7.59 -14.24 -19.17
C ALA A 263 6.62 -13.59 -20.15
N ALA A 264 5.55 -13.01 -19.63
CA ALA A 264 4.57 -12.37 -20.49
C ALA A 264 5.21 -11.48 -21.55
N HIS A 265 6.25 -10.76 -21.16
CA HIS A 265 6.93 -9.87 -22.09
C HIS A 265 7.70 -10.59 -23.19
N ALA A 266 8.12 -11.83 -22.95
CA ALA A 266 8.85 -12.57 -23.95
C ALA A 266 7.90 -13.27 -24.92
N LEU A 267 6.86 -13.90 -24.40
CA LEU A 267 5.90 -14.58 -25.25
C LEU A 267 5.20 -13.61 -26.18
N SER A 268 5.14 -12.34 -25.76
CA SER A 268 4.49 -11.30 -26.55
C SER A 268 5.27 -10.96 -27.81
N ARG A 269 4.59 -11.05 -28.95
CA ARG A 269 5.20 -10.75 -30.24
C ARG A 269 4.82 -9.35 -30.69
N SER A 270 3.71 -8.83 -30.14
CA SER A 270 3.24 -7.48 -30.48
C SER A 270 4.04 -6.41 -29.73
N ASP A 271 4.58 -5.45 -30.46
CA ASP A 271 5.35 -4.41 -29.82
C ASP A 271 4.53 -3.52 -28.91
N GLU A 272 3.22 -3.47 -29.14
CA GLU A 272 2.38 -2.66 -28.28
C GLU A 272 2.34 -3.33 -26.91
N ALA A 273 2.19 -4.65 -26.91
CA ALA A 273 2.14 -5.42 -25.67
C ALA A 273 3.42 -5.24 -24.90
N ARG A 274 4.53 -5.57 -25.54
CA ARG A 274 5.81 -5.44 -24.89
C ARG A 274 5.90 -4.07 -24.20
N ASN A 275 5.19 -3.06 -24.72
CA ASN A 275 5.22 -1.73 -24.09
C ASN A 275 4.32 -1.67 -22.85
N SER A 276 3.11 -2.19 -22.96
CA SER A 276 2.21 -2.17 -21.84
C SER A 276 2.86 -2.89 -20.66
N ILE A 277 3.56 -3.99 -20.95
CA ILE A 277 4.24 -4.78 -19.94
C ILE A 277 5.39 -4.03 -19.28
N ARG A 278 6.14 -3.30 -20.10
CA ARG A 278 7.25 -2.55 -19.55
C ARG A 278 6.71 -1.40 -18.72
N VAL A 279 5.51 -0.93 -19.02
CA VAL A 279 4.92 0.17 -18.24
C VAL A 279 4.53 -0.34 -16.84
N TRP A 280 3.97 -1.55 -16.78
CA TRP A 280 3.57 -2.14 -15.51
C TRP A 280 4.81 -2.40 -14.66
N GLN A 281 5.89 -2.84 -15.30
CA GLN A 281 7.16 -3.09 -14.61
C GLN A 281 7.69 -1.81 -13.97
N GLN A 282 7.45 -0.67 -14.61
CA GLN A 282 7.91 0.59 -14.03
C GLN A 282 7.09 0.97 -12.80
N GLU A 283 5.84 0.53 -12.77
CA GLU A 283 4.97 0.82 -11.62
C GLU A 283 5.56 0.08 -10.42
N LEU A 284 6.14 -1.08 -10.65
CA LEU A 284 6.76 -1.82 -9.55
C LEU A 284 8.00 -1.05 -9.08
N ALA A 285 8.63 -0.33 -10.00
CA ALA A 285 9.81 0.46 -9.68
C ALA A 285 9.42 1.68 -8.87
N TRP A 286 8.25 2.27 -9.15
CA TRP A 286 7.74 3.43 -8.40
C TRP A 286 7.50 3.04 -6.95
N ARG A 287 6.96 1.83 -6.77
CA ARG A 287 6.72 1.25 -5.46
C ARG A 287 8.02 1.20 -4.68
N GLU A 288 9.11 0.72 -5.29
CA GLU A 288 10.39 0.65 -4.58
C GLU A 288 10.99 2.04 -4.33
N PHE A 289 10.78 2.96 -5.27
CA PHE A 289 11.31 4.32 -5.11
C PHE A 289 10.74 4.87 -3.81
N TYR A 290 9.42 4.79 -3.67
CA TYR A 290 8.79 5.30 -2.46
C TYR A 290 9.18 4.57 -1.18
N GLN A 291 9.44 3.26 -1.26
CA GLN A 291 9.84 2.50 -0.08
C GLN A 291 11.28 2.83 0.26
N HIS A 292 12.16 2.96 -0.75
CA HIS A 292 13.53 3.33 -0.41
C HIS A 292 13.58 4.73 0.18
N ALA A 293 12.75 5.64 -0.34
CA ALA A 293 12.69 7.01 0.11
C ALA A 293 12.38 7.10 1.60
N LEU A 294 11.32 6.42 2.04
CA LEU A 294 10.96 6.47 3.45
C LEU A 294 12.10 5.86 4.27
N TYR A 295 12.77 4.87 3.70
CA TYR A 295 13.88 4.23 4.39
C TYR A 295 15.03 5.22 4.57
N HIS A 296 15.40 5.91 3.50
CA HIS A 296 16.51 6.85 3.60
C HIS A 296 16.15 8.16 4.28
N PHE A 297 14.93 8.63 4.10
CA PHE A 297 14.52 9.90 4.70
C PHE A 297 13.25 9.68 5.49
N PRO A 298 13.36 9.06 6.67
CA PRO A 298 12.21 8.77 7.53
C PRO A 298 11.34 9.97 7.87
N SER A 299 11.94 11.15 7.94
CA SER A 299 11.19 12.34 8.29
C SER A 299 10.06 12.61 7.31
N LEU A 300 10.14 12.03 6.11
CA LEU A 300 9.08 12.21 5.13
C LEU A 300 7.72 11.90 5.77
N ALA A 301 7.67 10.89 6.62
CA ALA A 301 6.40 10.49 7.24
C ALA A 301 5.77 11.58 8.10
N ASP A 302 6.56 12.52 8.56
CA ASP A 302 6.08 13.58 9.43
C ASP A 302 5.37 14.73 8.72
N GLY A 303 5.57 14.84 7.42
CA GLY A 303 4.90 15.90 6.70
C GLY A 303 5.79 16.42 5.60
N PRO A 304 5.48 17.62 5.08
CA PRO A 304 6.23 18.28 4.00
C PRO A 304 7.74 18.19 4.23
N TYR A 305 8.47 17.71 3.24
CA TYR A 305 9.92 17.57 3.34
C TYR A 305 10.63 18.88 2.95
N ARG A 306 10.16 19.51 1.88
CA ARG A 306 10.76 20.74 1.44
C ARG A 306 10.37 21.89 2.36
N SER A 307 11.37 22.61 2.83
CA SER A 307 11.20 23.72 3.76
C SER A 307 10.05 24.71 3.51
N LEU A 308 9.95 25.25 2.31
CA LEU A 308 8.90 26.23 2.11
C LEU A 308 7.51 25.61 2.30
N TRP A 309 7.37 24.35 1.92
CA TRP A 309 6.08 23.68 2.05
C TRP A 309 5.74 23.44 3.47
N GLN A 310 6.73 23.63 4.34
CA GLN A 310 6.54 23.45 5.76
C GLN A 310 5.94 24.71 6.35
N GLN A 311 6.08 25.81 5.62
CA GLN A 311 5.56 27.10 6.07
C GLN A 311 4.29 27.52 5.32
N PHE A 312 3.90 26.75 4.32
CA PHE A 312 2.72 27.09 3.55
C PHE A 312 1.50 27.38 4.41
N PRO A 313 0.85 28.54 4.19
CA PRO A 313 -0.34 28.96 4.93
C PRO A 313 -1.63 28.33 4.45
N TRP A 314 -1.84 27.07 4.81
CA TRP A 314 -3.05 26.34 4.41
C TRP A 314 -4.24 27.07 4.98
N GLU A 315 -5.35 27.05 4.27
CA GLU A 315 -6.51 27.74 4.78
C GLU A 315 -7.15 26.83 5.80
N ASN A 316 -7.22 25.55 5.49
CA ASN A 316 -7.79 24.57 6.40
C ASN A 316 -9.22 24.86 6.87
N ARG A 317 -10.17 25.05 5.97
CA ARG A 317 -11.55 25.27 6.41
C ARG A 317 -12.17 23.90 6.65
N GLU A 318 -12.52 23.59 7.89
CA GLU A 318 -13.09 22.28 8.18
C GLU A 318 -14.31 21.95 7.31
N ALA A 319 -15.16 22.93 7.10
CA ALA A 319 -16.36 22.69 6.30
C ALA A 319 -16.00 22.16 4.93
N LEU A 320 -14.93 22.65 4.35
CA LEU A 320 -14.56 22.15 3.02
C LEU A 320 -14.03 20.73 3.15
N PHE A 321 -13.29 20.46 4.21
CA PHE A 321 -12.74 19.12 4.40
C PHE A 321 -13.87 18.11 4.53
N THR A 322 -14.84 18.43 5.38
CA THR A 322 -15.98 17.55 5.59
C THR A 322 -16.74 17.18 4.29
N ALA A 323 -17.05 18.18 3.47
CA ALA A 323 -17.75 17.92 2.21
C ALA A 323 -16.91 16.98 1.37
N TRP A 324 -15.60 17.18 1.40
CA TRP A 324 -14.69 16.35 0.63
C TRP A 324 -14.84 14.91 1.08
N THR A 325 -14.67 14.67 2.37
CA THR A 325 -14.78 13.31 2.90
C THR A 325 -16.14 12.70 2.64
N GLN A 326 -17.17 13.54 2.50
CA GLN A 326 -18.50 13.02 2.28
C GLN A 326 -18.94 12.98 0.81
N ALA A 327 -18.04 13.34 -0.09
CA ALA A 327 -18.35 13.33 -1.51
C ALA A 327 -19.48 14.34 -1.84
N GLN A 328 -19.44 15.51 -1.20
CA GLN A 328 -20.44 16.54 -1.44
C GLN A 328 -19.75 17.82 -1.89
N THR A 329 -18.77 17.68 -2.79
CA THR A 329 -18.05 18.85 -3.28
C THR A 329 -18.76 19.53 -4.45
N GLY A 330 -19.59 18.78 -5.16
CA GLY A 330 -20.28 19.37 -6.28
C GLY A 330 -19.49 19.19 -7.55
N TYR A 331 -18.30 18.57 -7.42
CA TYR A 331 -17.45 18.32 -8.59
C TYR A 331 -17.56 16.82 -8.86
N PRO A 332 -18.45 16.44 -9.78
CA PRO A 332 -18.70 15.04 -10.14
C PRO A 332 -17.53 14.09 -10.14
N ILE A 333 -16.50 14.37 -10.92
CA ILE A 333 -15.35 13.49 -10.98
C ILE A 333 -14.81 13.27 -9.57
N VAL A 334 -14.74 14.32 -8.77
CA VAL A 334 -14.25 14.17 -7.40
C VAL A 334 -15.18 13.35 -6.48
N ASP A 335 -16.47 13.71 -6.44
CA ASP A 335 -17.43 13.01 -5.59
C ASP A 335 -17.58 11.54 -5.96
N ALA A 336 -17.46 11.24 -7.24
CA ALA A 336 -17.57 9.86 -7.70
C ALA A 336 -16.41 9.02 -7.14
N ALA A 337 -15.21 9.61 -7.10
CA ALA A 337 -13.99 8.95 -6.61
C ALA A 337 -14.12 8.72 -5.10
N MET A 338 -14.53 9.75 -4.37
CA MET A 338 -14.69 9.64 -2.94
C MET A 338 -15.73 8.58 -2.57
N ARG A 339 -16.76 8.39 -3.39
CA ARG A 339 -17.76 7.36 -3.11
C ARG A 339 -17.17 5.96 -3.34
N GLN A 340 -16.35 5.82 -4.38
CA GLN A 340 -15.73 4.54 -4.65
C GLN A 340 -14.83 4.17 -3.46
N LEU A 341 -14.11 5.16 -2.95
CA LEU A 341 -13.22 4.94 -1.83
C LEU A 341 -13.93 4.42 -0.59
N THR A 342 -14.94 5.16 -0.15
CA THR A 342 -15.63 4.75 1.06
C THR A 342 -16.51 3.53 0.90
N GLU A 343 -17.01 3.28 -0.28
CA GLU A 343 -17.85 2.12 -0.48
C GLU A 343 -17.09 0.83 -0.72
N THR A 344 -15.95 0.92 -1.39
CA THR A 344 -15.19 -0.28 -1.73
C THR A 344 -13.77 -0.40 -1.12
N GLY A 345 -13.28 0.68 -0.53
CA GLY A 345 -11.96 0.66 0.08
C GLY A 345 -10.86 0.75 -0.95
N TRP A 346 -11.20 1.03 -2.19
CA TRP A 346 -10.19 1.12 -3.24
C TRP A 346 -10.55 2.24 -4.22
N MET A 347 -9.54 2.82 -4.85
CA MET A 347 -9.79 3.92 -5.78
C MET A 347 -8.76 3.82 -6.92
N HIS A 348 -9.21 3.96 -8.15
CA HIS A 348 -8.32 3.89 -9.30
C HIS A 348 -7.21 4.92 -9.10
N ASN A 349 -5.97 4.62 -9.52
CA ASN A 349 -4.90 5.58 -9.30
C ASN A 349 -5.06 6.97 -9.89
N ARG A 350 -5.69 7.07 -11.06
CA ARG A 350 -5.86 8.38 -11.68
C ARG A 350 -6.75 9.24 -10.76
N CYS A 351 -7.74 8.61 -10.17
CA CYS A 351 -8.65 9.30 -9.29
C CYS A 351 -7.98 9.72 -8.00
N ARG A 352 -6.97 8.96 -7.56
CA ARG A 352 -6.27 9.32 -6.33
C ARG A 352 -5.49 10.62 -6.60
N MET A 353 -4.95 10.76 -7.79
CA MET A 353 -4.23 11.98 -8.09
C MET A 353 -5.21 13.15 -8.17
N ILE A 354 -6.35 12.92 -8.77
CA ILE A 354 -7.35 13.98 -8.92
C ILE A 354 -7.90 14.46 -7.58
N VAL A 355 -8.33 13.54 -6.72
CA VAL A 355 -8.88 13.97 -5.42
C VAL A 355 -7.79 14.60 -4.54
N ALA A 356 -6.54 14.18 -4.71
CA ALA A 356 -5.45 14.74 -3.91
C ALA A 356 -5.17 16.18 -4.36
N SER A 357 -5.06 16.38 -5.67
CA SER A 357 -4.83 17.72 -6.16
C SER A 357 -5.95 18.62 -5.71
N PHE A 358 -7.18 18.11 -5.83
CA PHE A 358 -8.34 18.89 -5.43
C PHE A 358 -8.23 19.38 -3.98
N LEU A 359 -7.99 18.47 -3.05
CA LEU A 359 -7.90 18.86 -1.65
C LEU A 359 -6.80 19.88 -1.38
N THR A 360 -5.64 19.67 -2.00
CA THR A 360 -4.49 20.53 -1.76
C THR A 360 -4.56 21.89 -2.46
N LYS A 361 -4.87 21.87 -3.74
CA LYS A 361 -4.89 23.10 -4.51
C LYS A 361 -6.21 23.82 -4.68
N ASP A 362 -7.31 23.11 -4.58
CA ASP A 362 -8.61 23.76 -4.72
C ASP A 362 -9.15 24.11 -3.34
N LEU A 363 -9.18 23.13 -2.43
CA LEU A 363 -9.70 23.37 -1.10
C LEU A 363 -8.66 24.01 -0.20
N ILE A 364 -7.40 23.91 -0.60
CA ILE A 364 -6.29 24.49 0.16
C ILE A 364 -6.24 24.01 1.62
N ILE A 365 -6.32 22.69 1.79
CA ILE A 365 -6.25 22.07 3.10
C ILE A 365 -4.93 21.29 3.19
N ASP A 366 -4.22 21.42 4.32
CA ASP A 366 -2.97 20.71 4.56
C ASP A 366 -3.17 19.26 4.12
N TRP A 367 -2.40 18.81 3.12
CA TRP A 367 -2.58 17.45 2.61
C TRP A 367 -2.48 16.34 3.65
N ARG A 368 -1.89 16.63 4.80
CA ARG A 368 -1.81 15.60 5.81
C ARG A 368 -3.20 15.15 6.27
N ARG A 369 -4.21 16.03 6.17
CA ARG A 369 -5.57 15.66 6.57
C ARG A 369 -6.07 14.63 5.55
N GLY A 370 -5.65 14.80 4.31
CA GLY A 370 -6.09 13.89 3.27
C GLY A 370 -5.36 12.58 3.41
N GLU A 371 -4.09 12.65 3.78
CA GLU A 371 -3.27 11.44 3.94
C GLU A 371 -3.89 10.51 4.98
N GLN A 372 -4.34 11.10 6.08
CA GLN A 372 -4.95 10.31 7.13
C GLN A 372 -6.32 9.75 6.75
N PHE A 373 -7.13 10.55 6.06
CA PHE A 373 -8.45 10.04 5.64
C PHE A 373 -8.28 8.83 4.71
N PHE A 374 -7.28 8.87 3.82
CA PHE A 374 -6.99 7.75 2.90
C PHE A 374 -6.59 6.50 3.69
N MET A 375 -5.68 6.65 4.65
CA MET A 375 -5.26 5.50 5.48
C MET A 375 -6.44 4.90 6.19
N GLN A 376 -7.42 5.73 6.53
CA GLN A 376 -8.61 5.24 7.23
C GLN A 376 -9.61 4.53 6.34
N HIS A 377 -9.33 4.44 5.04
CA HIS A 377 -10.28 3.78 4.13
C HIS A 377 -9.69 2.81 3.14
N LEU A 378 -8.44 3.04 2.76
CA LEU A 378 -7.82 2.17 1.78
C LEU A 378 -7.48 0.77 2.23
N VAL A 379 -7.87 -0.21 1.41
CA VAL A 379 -7.56 -1.60 1.67
C VAL A 379 -6.08 -1.80 1.46
N ASP A 380 -5.48 -1.00 0.58
CA ASP A 380 -4.04 -1.10 0.30
C ASP A 380 -3.24 0.01 1.01
N GLY A 381 -3.86 0.65 1.99
CA GLY A 381 -3.20 1.74 2.71
C GLY A 381 -1.76 1.40 3.07
N ASP A 382 -0.82 2.20 2.59
CA ASP A 382 0.59 1.94 2.83
C ASP A 382 1.32 3.26 3.05
N LEU A 383 1.91 3.43 4.23
CA LEU A 383 2.58 4.67 4.53
C LEU A 383 3.49 5.20 3.40
N ALA A 384 4.39 4.38 2.89
CA ALA A 384 5.30 4.85 1.84
C ALA A 384 4.60 5.34 0.59
N ALA A 385 3.66 4.57 0.07
CA ALA A 385 2.98 4.92 -1.17
C ALA A 385 1.96 6.06 -1.02
N ASN A 386 1.25 6.05 0.10
CA ASN A 386 0.24 7.06 0.36
C ASN A 386 0.95 8.40 0.64
N ASN A 387 1.97 8.36 1.49
CA ASN A 387 2.71 9.57 1.80
C ASN A 387 3.33 10.11 0.51
N GLY A 388 3.80 9.21 -0.34
CA GLY A 388 4.43 9.60 -1.58
C GLY A 388 3.42 10.23 -2.52
N GLY A 389 2.22 9.64 -2.58
CA GLY A 389 1.20 10.20 -3.43
C GLY A 389 0.74 11.56 -2.94
N TRP A 390 0.61 11.74 -1.63
CA TRP A 390 0.18 13.03 -1.10
C TRP A 390 1.27 14.11 -1.20
N GLN A 391 2.53 13.75 -0.99
CA GLN A 391 3.58 14.76 -1.08
C GLN A 391 3.59 15.21 -2.53
N TRP A 392 3.31 14.27 -3.42
CA TRP A 392 3.27 14.54 -4.85
C TRP A 392 2.30 15.66 -5.19
N SER A 393 1.09 15.57 -4.69
CA SER A 393 0.07 16.56 -4.96
C SER A 393 0.56 17.97 -4.61
N ALA A 394 1.65 18.08 -3.87
CA ALA A 394 2.14 19.42 -3.54
C ALA A 394 3.61 19.59 -3.87
N SER A 395 4.26 18.55 -4.41
CA SER A 395 5.70 18.63 -4.71
C SER A 395 6.46 19.06 -3.45
N SER A 396 6.07 18.51 -2.31
CA SER A 396 6.70 18.85 -1.05
C SER A 396 7.70 17.83 -0.53
N GLY A 397 7.97 16.78 -1.30
CA GLY A 397 8.93 15.79 -0.85
C GLY A 397 9.91 15.37 -1.94
N MET A 398 9.96 14.06 -2.21
CA MET A 398 10.83 13.47 -3.22
C MET A 398 10.37 13.77 -4.65
N ASP A 399 11.31 13.73 -5.59
CA ASP A 399 10.99 13.97 -6.99
C ASP A 399 10.09 15.18 -7.22
N PRO A 400 10.51 16.35 -6.73
CA PRO A 400 9.72 17.59 -6.88
C PRO A 400 9.48 17.94 -8.37
N LYS A 401 8.72 19.00 -8.59
CA LYS A 401 8.42 19.45 -9.94
C LYS A 401 7.79 20.83 -9.91
N PRO A 402 7.78 21.53 -11.04
CA PRO A 402 7.20 22.87 -11.13
C PRO A 402 5.71 22.83 -10.84
N LEU A 403 5.19 23.93 -10.27
CA LEU A 403 3.79 24.01 -9.94
C LEU A 403 2.91 23.77 -11.15
N ARG A 404 1.77 23.16 -10.89
CA ARG A 404 0.79 22.80 -11.91
C ARG A 404 -0.50 22.52 -11.17
N ILE A 405 -1.45 23.44 -11.27
CA ILE A 405 -2.74 23.29 -10.63
C ILE A 405 -3.70 22.65 -11.62
N PHE A 406 -4.16 21.45 -11.31
CA PHE A 406 -5.06 20.74 -12.22
C PHE A 406 -6.47 21.34 -12.29
N ASN A 407 -7.18 21.04 -13.37
CA ASN A 407 -8.55 21.47 -13.52
C ASN A 407 -9.32 20.18 -13.56
N PRO A 408 -10.10 19.91 -12.52
CA PRO A 408 -10.88 18.68 -12.48
C PRO A 408 -11.60 18.45 -13.81
N ALA A 409 -12.23 19.51 -14.31
CA ALA A 409 -12.97 19.44 -15.55
C ALA A 409 -12.14 18.78 -16.63
N SER A 410 -10.97 19.35 -16.87
CA SER A 410 -10.05 18.83 -17.87
C SER A 410 -9.72 17.37 -17.67
N GLN A 411 -9.37 17.01 -16.43
CA GLN A 411 -9.03 15.64 -16.09
C GLN A 411 -10.21 14.72 -16.44
N ALA A 412 -11.41 15.14 -16.07
CA ALA A 412 -12.60 14.36 -16.33
C ALA A 412 -12.66 14.11 -17.83
N LYS A 413 -12.59 15.19 -18.59
CA LYS A 413 -12.66 15.12 -20.05
C LYS A 413 -11.67 14.10 -20.60
N LYS A 414 -10.47 14.20 -20.07
CA LYS A 414 -9.38 13.35 -20.49
C LYS A 414 -9.57 11.88 -20.13
N PHE A 415 -9.90 11.61 -18.88
CA PHE A 415 -10.00 10.22 -18.47
C PHE A 415 -11.38 9.59 -18.31
N ASP A 416 -12.43 10.41 -18.34
CA ASP A 416 -13.78 9.89 -18.23
C ASP A 416 -14.64 10.61 -19.25
N ALA A 417 -14.08 10.79 -20.43
CA ALA A 417 -14.76 11.51 -21.50
C ALA A 417 -16.25 11.20 -21.69
N THR A 418 -16.66 9.96 -21.48
CA THR A 418 -18.07 9.62 -21.66
C THR A 418 -18.86 9.66 -20.36
N ALA A 419 -18.17 9.90 -19.24
CA ALA A 419 -18.81 9.99 -17.92
C ALA A 419 -19.32 8.66 -17.39
N THR A 420 -18.81 7.56 -17.95
CA THR A 420 -19.23 6.24 -17.51
C THR A 420 -18.92 6.00 -16.03
N TYR A 421 -17.68 6.30 -15.63
CA TYR A 421 -17.26 6.12 -14.25
C TYR A 421 -18.06 7.02 -13.30
N ILE A 422 -18.32 8.27 -13.70
CA ILE A 422 -19.08 9.19 -12.88
C ILE A 422 -20.49 8.67 -12.59
N LYS A 423 -21.20 8.27 -13.62
CA LYS A 423 -22.55 7.77 -13.39
C LYS A 423 -22.59 6.47 -12.65
N ARG A 424 -21.48 5.73 -12.70
CA ARG A 424 -21.41 4.47 -12.00
C ARG A 424 -21.45 4.74 -10.50
N TRP A 425 -20.77 5.79 -10.07
CA TRP A 425 -20.70 6.12 -8.65
C TRP A 425 -21.71 7.16 -8.15
N LEU A 426 -22.28 7.92 -9.08
CA LEU A 426 -23.26 8.94 -8.76
C LEU A 426 -24.55 8.72 -9.54
N PRO A 427 -25.18 7.56 -9.35
CA PRO A 427 -26.42 7.23 -10.05
C PRO A 427 -27.46 8.37 -10.02
N GLU A 428 -27.63 9.01 -8.86
CA GLU A 428 -28.60 10.10 -8.75
C GLU A 428 -28.37 11.18 -9.79
N LEU A 429 -27.39 10.96 -10.66
CA LEU A 429 -27.08 11.90 -11.71
C LEU A 429 -27.01 11.17 -13.05
N ARG A 430 -27.51 9.94 -13.07
CA ARG A 430 -27.47 9.15 -14.29
C ARG A 430 -28.24 9.89 -15.38
N HIS A 431 -29.24 10.66 -14.97
CA HIS A 431 -30.07 11.43 -15.89
C HIS A 431 -29.33 12.56 -16.58
N VAL A 432 -28.24 13.04 -15.98
CA VAL A 432 -27.52 14.15 -16.57
C VAL A 432 -26.73 13.81 -17.79
N HIS A 433 -26.37 14.84 -18.54
CA HIS A 433 -25.62 14.74 -19.80
C HIS A 433 -24.12 14.85 -19.62
N PRO A 434 -23.40 13.80 -20.00
CA PRO A 434 -21.94 13.68 -19.93
C PRO A 434 -21.29 15.06 -20.00
N LYS A 435 -21.63 15.80 -21.04
CA LYS A 435 -21.09 17.13 -21.22
C LYS A 435 -21.20 17.92 -19.91
N ASP A 436 -22.32 17.75 -19.21
CA ASP A 436 -22.53 18.45 -17.95
C ASP A 436 -21.72 17.87 -16.78
N LEU A 437 -21.69 16.53 -16.71
CA LEU A 437 -20.97 15.83 -15.68
C LEU A 437 -19.49 16.15 -15.79
N ILE A 438 -18.98 16.18 -17.01
CA ILE A 438 -17.58 16.49 -17.15
C ILE A 438 -17.29 17.92 -16.77
N SER A 439 -18.13 18.85 -17.24
CA SER A 439 -17.92 20.26 -16.96
C SER A 439 -18.27 20.67 -15.52
N GLY A 440 -19.13 19.92 -14.85
CA GLY A 440 -19.48 20.27 -13.48
C GLY A 440 -20.58 21.31 -13.44
N GLU A 441 -21.05 21.72 -14.61
CA GLU A 441 -22.13 22.69 -14.69
C GLU A 441 -23.42 21.96 -14.93
N ILE A 442 -24.18 21.79 -13.86
CA ILE A 442 -25.45 21.08 -13.89
C ILE A 442 -26.58 22.03 -13.47
N THR A 443 -27.67 22.02 -14.25
CA THR A 443 -28.82 22.88 -13.97
C THR A 443 -29.44 22.43 -12.67
N PRO A 444 -29.79 23.40 -11.81
CA PRO A 444 -30.40 23.12 -10.52
C PRO A 444 -31.56 22.15 -10.58
N ILE A 445 -32.21 22.02 -11.73
CA ILE A 445 -33.35 21.13 -11.85
C ILE A 445 -33.06 19.66 -12.16
N GLU A 446 -32.08 19.40 -13.02
CA GLU A 446 -31.72 18.03 -13.40
C GLU A 446 -30.65 17.46 -12.47
N ARG A 447 -29.94 18.39 -11.84
CA ARG A 447 -28.94 18.07 -10.85
C ARG A 447 -29.93 18.14 -9.72
N ARG A 448 -29.86 17.23 -8.75
CA ARG A 448 -30.86 17.28 -7.70
C ARG A 448 -30.22 17.11 -6.33
N GLY A 449 -30.84 17.68 -5.29
CA GLY A 449 -30.22 17.54 -3.99
C GLY A 449 -28.71 17.59 -4.18
N TYR A 450 -28.21 17.03 -5.28
CA TYR A 450 -26.77 17.06 -5.51
C TYR A 450 -26.34 18.49 -5.37
N PRO A 451 -25.30 18.74 -4.56
CA PRO A 451 -24.77 20.07 -4.29
C PRO A 451 -24.15 20.82 -5.46
N ALA A 452 -24.05 22.13 -5.29
CA ALA A 452 -23.45 23.01 -6.28
C ALA A 452 -21.97 23.03 -5.89
N PRO A 453 -21.08 23.44 -6.80
CA PRO A 453 -19.68 23.47 -6.43
C PRO A 453 -19.45 24.23 -5.13
N ILE A 454 -18.76 23.61 -4.16
CA ILE A 454 -18.50 24.26 -2.89
C ILE A 454 -17.51 25.40 -3.00
N VAL A 455 -16.74 25.43 -4.08
CA VAL A 455 -15.79 26.52 -4.31
C VAL A 455 -15.78 26.77 -5.80
N ASN A 456 -15.23 27.92 -6.19
CA ASN A 456 -15.12 28.31 -7.58
C ASN A 456 -13.67 28.01 -7.99
N HIS A 457 -13.49 26.99 -8.80
CA HIS A 457 -12.14 26.63 -9.19
C HIS A 457 -11.23 27.77 -9.57
N ASN A 458 -11.64 28.66 -10.46
CA ASN A 458 -10.75 29.74 -10.86
C ASN A 458 -10.38 30.68 -9.73
N LEU A 459 -11.30 30.96 -8.82
CA LEU A 459 -10.96 31.81 -7.70
C LEU A 459 -9.98 31.11 -6.76
N ARG A 460 -10.12 29.79 -6.61
CA ARG A 460 -9.22 29.00 -5.76
C ARG A 460 -7.79 28.94 -6.34
N GLN A 461 -7.70 28.71 -7.65
CA GLN A 461 -6.41 28.63 -8.35
C GLN A 461 -5.57 29.90 -8.11
N LYS A 462 -6.22 31.07 -8.20
CA LYS A 462 -5.54 32.35 -7.99
C LYS A 462 -5.15 32.49 -6.54
N GLN A 463 -6.07 32.11 -5.65
CA GLN A 463 -5.81 32.22 -4.23
C GLN A 463 -4.55 31.39 -3.88
N PHE A 464 -4.51 30.14 -4.36
CA PHE A 464 -3.35 29.29 -4.09
C PHE A 464 -2.07 29.88 -4.68
N LYS A 465 -2.09 30.25 -5.96
CA LYS A 465 -0.90 30.83 -6.58
C LYS A 465 -0.42 32.05 -5.81
N ALA A 466 -1.35 32.86 -5.34
CA ALA A 466 -1.04 34.05 -4.56
C ALA A 466 -0.35 33.69 -3.24
N LEU A 467 -0.95 32.76 -2.49
CA LEU A 467 -0.35 32.33 -1.23
C LEU A 467 1.05 31.78 -1.50
N TYR A 468 1.17 31.00 -2.57
CA TYR A 468 2.42 30.40 -2.96
C TYR A 468 3.48 31.43 -3.37
N ASN A 469 3.08 32.43 -4.15
CA ASN A 469 4.03 33.45 -4.57
C ASN A 469 4.45 34.36 -3.43
N GLN A 470 3.52 34.72 -2.57
CA GLN A 470 3.87 35.59 -1.46
C GLN A 470 4.97 34.88 -0.69
N LEU A 471 4.72 33.62 -0.38
CA LEU A 471 5.67 32.81 0.37
C LEU A 471 7.04 32.82 -0.28
N LYS A 472 7.12 32.41 -1.54
CA LYS A 472 8.41 32.38 -2.25
C LYS A 472 9.27 33.59 -1.92
N ALA A 473 8.64 34.66 -1.41
CA ALA A 473 9.36 35.86 -1.04
C ALA A 473 9.67 35.78 0.46
N ALA A 474 10.55 34.84 0.81
CA ALA A 474 10.92 34.62 2.21
C ALA A 474 11.18 33.12 2.33
N ILE A 475 12.25 32.67 1.73
CA ILE A 475 12.58 31.24 1.74
C ILE A 475 14.11 31.10 1.98
#